data_9E5T
#
_entry.id   9E5T
#
_cell.length_a   42.206
_cell.length_b   78.205
_cell.length_c   77.101
_cell.angle_alpha   90.00
_cell.angle_beta   90.44
_cell.angle_gamma   90.00
#
_symmetry.space_group_name_H-M   'P 1 21 1'
#
loop_
_entity.id
_entity.type
_entity.pdbx_description
1 polymer 'RNA (76-MER)'
2 non-polymer ethynyl-4-(4-phenyl-2,3,4-triazole)-guanidinium-cobalamin
3 non-polymer N-methylpropane-1,3-diamine
4 non-polymer 2-AMINO-2-HYDROXYMETHYL-PROPANE-1,3-DIOL
5 non-polymer 'MAGNESIUM ION'
6 non-polymer 'POTASSIUM ION'
7 water water
#
_entity_poly.entity_id   1
_entity_poly.type   'polyribonucleotide'
_entity_poly.pdbx_seq_one_letter_code
;(GTP)GUAAAAGCAUAGUGGGAAAGUGACGUGAAAUUCGUCCACACGAAAGUAAGGUCAUAGUCCGAAUGCCACCUACCA
;
_entity_poly.pdbx_strand_id   A,B
#